data_7OOT
#
_entry.id   7OOT
#
_cell.length_a   64.780
_cell.length_b   83.250
_cell.length_c   88.530
_cell.angle_alpha   90.000
_cell.angle_beta   90.000
_cell.angle_gamma   90.000
#
_symmetry.space_group_name_H-M   'P 21 21 21'
#
loop_
_entity.id
_entity.type
_entity.pdbx_description
1 polymer 'Interferon regulatory factor 4'
2 polymer "DNA (5'-D(P*TP*CP*AP*AP*CP*TP*GP*AP*AP*AP*CP*CP*GP*AP*GP*AP*AP*AP*GP*C)-3')"
3 polymer "DNA (5'-D(P*AP*GP*CP*TP*TP*TP*CP*TP*CP*GP*GP*TP*TP*TP*CP*AP*GP*TP*TP*G)-3')"
4 non-polymer 'PHOSPHATE ION'
5 water water
#
loop_
_entity_poly.entity_id
_entity_poly.type
_entity_poly.pdbx_seq_one_letter_code
_entity_poly.pdbx_strand_id
1 'polypeptide(L)'
;MGSHHHHHHSAALEVLFQGPGGNGKLRQWLIDQIDSGKYPGLVWENEEKSIFRIPWKHAGKQDYNREEDAALFKAWALFK
GKFREGIDKPDPPTWKTRLRCALNKSNDFEELVERSQLDISDPYKVYRIVPEGAKKGAKQL
;
A,B
2 'polydeoxyribonucleotide' (DT)(DC)(DA)(DA)(DC)(DT)(DG)(DA)(DA)(DA)(DC)(DC)(DG)(DA)(DG)(DA)(DA)(DA)(DG)(DC) C
3 'polydeoxyribonucleotide' (DA)(DG)(DC)(DT)(DT)(DT)(DC)(DT)(DC)(DG)(DG)(DT)(DT)(DT)(DC)(DA)(DG)(DT)(DT)(DG) E
#
loop_
_chem_comp.id
_chem_comp.type
_chem_comp.name
_chem_comp.formula
DA DNA linking 2'-DEOXYADENOSINE-5'-MONOPHOSPHATE 'C10 H14 N5 O6 P'
DC DNA linking 2'-DEOXYCYTIDINE-5'-MONOPHOSPHATE 'C9 H14 N3 O7 P'
DG DNA linking 2'-DEOXYGUANOSINE-5'-MONOPHOSPHATE 'C10 H14 N5 O7 P'
DT DNA linking THYMIDINE-5'-MONOPHOSPHATE 'C10 H15 N2 O8 P'
PO4 non-polymer 'PHOSPHATE ION' 'O4 P -3'
#
# COMPACT_ATOMS: atom_id res chain seq x y z
N GLY A 24 -0.15 -15.05 -25.57
CA GLY A 24 -0.81 -14.37 -24.47
C GLY A 24 -2.20 -14.93 -24.19
N LYS A 25 -2.39 -15.53 -23.01
CA LYS A 25 -3.64 -16.19 -22.70
C LYS A 25 -4.62 -15.32 -21.94
N LEU A 26 -4.13 -14.26 -21.28
CA LEU A 26 -4.96 -13.53 -20.33
C LEU A 26 -6.16 -12.90 -21.01
N ARG A 27 -5.96 -12.33 -22.20
CA ARG A 27 -7.03 -11.57 -22.84
C ARG A 27 -8.27 -12.42 -23.03
N GLN A 28 -8.16 -13.52 -23.76
CA GLN A 28 -9.31 -14.35 -24.04
C GLN A 28 -9.80 -15.07 -22.79
N TRP A 29 -8.90 -15.49 -21.90
CA TRP A 29 -9.34 -16.18 -20.69
C TRP A 29 -10.26 -15.28 -19.87
N LEU A 30 -9.82 -14.03 -19.64
CA LEU A 30 -10.64 -13.11 -18.85
C LEU A 30 -11.94 -12.78 -19.56
N ILE A 31 -11.88 -12.53 -20.88
CA ILE A 31 -13.10 -12.29 -21.64
C ILE A 31 -14.06 -13.44 -21.43
N ASP A 32 -13.56 -14.67 -21.55
CA ASP A 32 -14.38 -15.85 -21.30
C ASP A 32 -14.95 -15.85 -19.87
N GLN A 33 -14.14 -15.50 -18.87
CA GLN A 33 -14.63 -15.51 -17.49
C GLN A 33 -15.78 -14.54 -17.30
N ILE A 34 -15.67 -13.33 -17.86
CA ILE A 34 -16.77 -12.38 -17.79
C ILE A 34 -17.98 -12.92 -18.53
N ASP A 35 -17.78 -13.34 -19.80
CA ASP A 35 -18.86 -13.88 -20.61
C ASP A 35 -19.52 -15.09 -19.95
N SER A 36 -18.78 -15.82 -19.12
CA SER A 36 -19.32 -17.04 -18.52
C SER A 36 -20.47 -16.74 -17.57
N GLY A 37 -20.44 -15.61 -16.89
CA GLY A 37 -21.45 -15.37 -15.88
C GLY A 37 -21.31 -16.21 -14.64
N LYS A 38 -20.16 -16.85 -14.43
CA LYS A 38 -19.96 -17.67 -13.23
C LYS A 38 -19.55 -16.86 -12.01
N TYR A 39 -19.03 -15.66 -12.21
CA TYR A 39 -18.46 -14.85 -11.14
C TYR A 39 -19.38 -13.68 -10.89
N PRO A 40 -20.19 -13.71 -9.83
CA PRO A 40 -21.08 -12.57 -9.57
C PRO A 40 -20.25 -11.31 -9.43
N GLY A 41 -20.73 -10.25 -10.06
CA GLY A 41 -20.01 -8.99 -10.06
C GLY A 41 -18.99 -8.84 -11.17
N LEU A 42 -18.55 -9.95 -11.79
CA LEU A 42 -17.68 -9.86 -12.96
C LEU A 42 -18.59 -9.70 -14.18
N VAL A 43 -18.84 -8.46 -14.58
CA VAL A 43 -19.88 -8.16 -15.55
C VAL A 43 -19.41 -7.12 -16.54
N TRP A 44 -19.99 -7.17 -17.74
CA TRP A 44 -19.79 -6.12 -18.71
C TRP A 44 -20.54 -4.88 -18.28
N GLU A 45 -19.96 -3.72 -18.57
CA GLU A 45 -20.59 -2.45 -18.27
C GLU A 45 -21.29 -1.84 -19.47
N ASN A 46 -21.04 -2.36 -20.67
CA ASN A 46 -21.69 -1.86 -21.87
C ASN A 46 -22.01 -3.05 -22.76
N GLU A 47 -22.83 -2.80 -23.78
CA GLU A 47 -23.21 -3.87 -24.68
C GLU A 47 -22.14 -4.15 -25.73
N GLU A 48 -21.22 -3.22 -25.92
CA GLU A 48 -20.07 -3.42 -26.80
C GLU A 48 -19.05 -4.40 -26.22
N LYS A 49 -19.20 -4.77 -24.93
CA LYS A 49 -18.29 -5.71 -24.26
C LYS A 49 -16.84 -5.23 -24.35
N SER A 50 -16.64 -3.93 -24.09
CA SER A 50 -15.30 -3.35 -24.06
C SER A 50 -14.90 -2.82 -22.69
N ILE A 51 -15.84 -2.71 -21.74
CA ILE A 51 -15.58 -2.23 -20.39
C ILE A 51 -16.27 -3.17 -19.42
N PHE A 52 -15.58 -3.54 -18.35
CA PHE A 52 -16.15 -4.47 -17.39
C PHE A 52 -15.73 -4.14 -15.97
N ARG A 53 -16.43 -4.78 -15.04
CA ARG A 53 -16.21 -4.64 -13.61
C ARG A 53 -15.64 -5.93 -13.09
N ILE A 54 -14.69 -5.84 -12.19
CA ILE A 54 -14.08 -7.01 -11.59
C ILE A 54 -14.08 -6.84 -10.08
N PRO A 55 -14.79 -7.70 -9.34
CA PRO A 55 -14.92 -7.51 -7.90
C PRO A 55 -13.56 -7.50 -7.24
N TRP A 56 -13.39 -6.60 -6.27
CA TRP A 56 -12.06 -6.35 -5.73
C TRP A 56 -12.11 -6.09 -4.21
N LYS A 57 -12.52 -7.09 -3.45
CA LYS A 57 -12.69 -6.91 -2.02
C LYS A 57 -11.40 -7.18 -1.27
N HIS A 58 -11.13 -6.34 -0.28
CA HIS A 58 -9.94 -6.49 0.54
C HIS A 58 -10.07 -7.74 1.39
N ALA A 59 -9.01 -8.55 1.41
CA ALA A 59 -9.13 -9.86 2.03
C ALA A 59 -9.19 -9.80 3.55
N GLY A 60 -8.94 -8.63 4.15
CA GLY A 60 -9.05 -8.45 5.58
C GLY A 60 -10.42 -8.08 6.11
N LYS A 61 -11.37 -7.73 5.26
CA LYS A 61 -12.67 -7.31 5.73
C LYS A 61 -13.40 -8.47 6.41
N GLN A 62 -14.35 -8.13 7.30
CA GLN A 62 -15.25 -9.14 7.83
C GLN A 62 -16.19 -9.65 6.76
N ASP A 63 -16.67 -8.74 5.91
CA ASP A 63 -17.50 -9.07 4.76
C ASP A 63 -16.87 -10.16 3.87
N TYR A 64 -15.57 -10.44 4.04
CA TYR A 64 -14.82 -11.26 3.09
C TYR A 64 -15.14 -12.74 3.22
N ASN A 65 -15.46 -13.36 2.08
CA ASN A 65 -15.68 -14.79 1.94
C ASN A 65 -14.77 -15.32 0.83
N ARG A 66 -13.79 -16.16 1.19
CA ARG A 66 -12.81 -16.63 0.21
C ARG A 66 -13.47 -17.36 -0.96
N GLU A 67 -14.39 -18.29 -0.67
CA GLU A 67 -14.96 -19.08 -1.75
C GLU A 67 -15.55 -18.19 -2.85
N GLU A 68 -16.22 -17.11 -2.47
CA GLU A 68 -16.81 -16.23 -3.46
C GLU A 68 -15.87 -15.11 -3.92
N ASP A 69 -15.21 -14.43 -3.00
CA ASP A 69 -14.46 -13.23 -3.36
C ASP A 69 -13.11 -13.53 -3.99
N ALA A 70 -12.58 -14.73 -3.83
CA ALA A 70 -11.29 -15.07 -4.42
C ALA A 70 -11.43 -15.97 -5.63
N ALA A 71 -12.66 -16.29 -6.05
CA ALA A 71 -12.86 -17.31 -7.08
C ALA A 71 -12.14 -16.97 -8.37
N LEU A 72 -12.20 -15.71 -8.81
CA LEU A 72 -11.57 -15.34 -10.07
C LEU A 72 -10.05 -15.44 -9.99
N PHE A 73 -9.47 -14.94 -8.89
CA PHE A 73 -8.03 -15.00 -8.69
C PHE A 73 -7.55 -16.44 -8.63
N LYS A 74 -8.31 -17.30 -7.96
CA LYS A 74 -7.95 -18.71 -7.87
C LYS A 74 -8.00 -19.36 -9.25
N ALA A 75 -9.06 -19.08 -10.00
CA ALA A 75 -9.21 -19.68 -11.33
C ALA A 75 -8.02 -19.36 -12.20
N TRP A 76 -7.52 -18.12 -12.12
CA TRP A 76 -6.33 -17.77 -12.88
C TRP A 76 -5.13 -18.60 -12.42
N ALA A 77 -4.96 -18.77 -11.09
CA ALA A 77 -3.89 -19.60 -10.57
C ALA A 77 -4.06 -21.05 -11.00
N LEU A 78 -5.29 -21.56 -10.97
CA LEU A 78 -5.56 -22.92 -11.44
C LEU A 78 -5.32 -23.06 -12.93
N PHE A 79 -5.83 -22.11 -13.71
CA PHE A 79 -5.70 -22.16 -15.16
C PHE A 79 -4.23 -22.13 -15.59
N LYS A 80 -3.40 -21.37 -14.89
CA LYS A 80 -1.99 -21.26 -15.23
C LYS A 80 -1.13 -22.29 -14.51
N GLY A 81 -1.73 -23.13 -13.67
CA GLY A 81 -0.95 -24.12 -12.96
C GLY A 81 -0.08 -23.57 -11.86
N LYS A 82 -0.38 -22.38 -11.33
CA LYS A 82 0.38 -21.86 -10.20
C LYS A 82 -0.21 -22.27 -8.86
N PHE A 83 -1.27 -23.08 -8.88
CA PHE A 83 -1.86 -23.61 -7.66
C PHE A 83 -2.55 -24.93 -8.00
N ARG A 84 -2.32 -25.94 -7.19
CA ARG A 84 -2.89 -27.26 -7.42
C ARG A 84 -3.77 -27.65 -6.24
N GLU A 85 -5.08 -27.76 -6.49
CA GLU A 85 -6.07 -28.16 -5.49
C GLU A 85 -5.67 -29.47 -4.83
N GLY A 86 -5.60 -29.47 -3.50
CA GLY A 86 -5.22 -30.64 -2.75
C GLY A 86 -3.74 -30.75 -2.44
N ILE A 87 -2.91 -29.94 -3.07
CA ILE A 87 -1.47 -30.01 -2.92
C ILE A 87 -0.90 -28.73 -2.29
N ASP A 88 -1.29 -27.57 -2.81
CA ASP A 88 -0.69 -26.30 -2.40
C ASP A 88 -1.57 -25.66 -1.35
N LYS A 89 -0.95 -24.98 -0.40
CA LYS A 89 -1.74 -24.25 0.57
C LYS A 89 -2.47 -23.12 -0.14
N PRO A 90 -3.77 -22.93 0.12
CA PRO A 90 -4.47 -21.77 -0.45
C PRO A 90 -3.82 -20.46 -0.04
N ASP A 91 -3.70 -19.52 -0.98
CA ASP A 91 -3.01 -18.26 -0.76
C ASP A 91 -3.68 -17.17 -1.59
N PRO A 92 -4.87 -16.73 -1.18
CA PRO A 92 -5.60 -15.72 -1.96
C PRO A 92 -4.82 -14.42 -2.13
N PRO A 93 -4.07 -13.94 -1.13
CA PRO A 93 -3.28 -12.71 -1.38
C PRO A 93 -2.34 -12.86 -2.55
N THR A 94 -1.61 -13.98 -2.63
CA THR A 94 -0.74 -14.17 -3.78
C THR A 94 -1.53 -14.24 -5.07
N TRP A 95 -2.67 -14.95 -5.04
CA TRP A 95 -3.53 -15.05 -6.22
C TRP A 95 -3.94 -13.68 -6.71
N LYS A 96 -4.29 -12.78 -5.79
CA LYS A 96 -4.73 -11.46 -6.19
C LYS A 96 -3.59 -10.68 -6.84
N THR A 97 -2.39 -10.74 -6.24
CA THR A 97 -1.24 -10.03 -6.81
C THR A 97 -0.93 -10.49 -8.23
N ARG A 98 -1.06 -11.78 -8.50
CA ARG A 98 -0.74 -12.30 -9.84
C ARG A 98 -1.69 -11.71 -10.88
N LEU A 99 -3.00 -11.75 -10.59
CA LEU A 99 -3.92 -11.20 -11.59
C LEU A 99 -3.75 -9.70 -11.74
N ARG A 100 -3.47 -9.00 -10.63
CA ARG A 100 -3.28 -7.55 -10.69
C ARG A 100 -2.07 -7.22 -11.55
N CYS A 101 -0.93 -7.84 -11.25
CA CYS A 101 0.27 -7.53 -12.03
C CYS A 101 0.07 -7.90 -13.50
N ALA A 102 -0.61 -9.02 -13.77
CA ALA A 102 -0.84 -9.39 -15.16
C ALA A 102 -1.66 -8.33 -15.88
N LEU A 103 -2.74 -7.87 -15.23
CA LEU A 103 -3.55 -6.79 -15.77
C LEU A 103 -2.74 -5.51 -15.93
N ASN A 104 -1.94 -5.15 -14.92
CA ASN A 104 -1.13 -3.94 -14.98
C ASN A 104 -0.24 -3.93 -16.23
N LYS A 105 0.53 -5.00 -16.42
CA LYS A 105 1.46 -5.05 -17.53
C LYS A 105 0.82 -5.43 -18.85
N SER A 106 -0.42 -5.91 -18.85
CA SER A 106 -1.04 -6.31 -20.11
C SER A 106 -1.37 -5.08 -20.94
N ASN A 107 -1.01 -5.13 -22.22
CA ASN A 107 -1.43 -4.12 -23.19
C ASN A 107 -2.87 -4.30 -23.62
N ASP A 108 -3.51 -5.37 -23.19
CA ASP A 108 -4.90 -5.63 -23.56
C ASP A 108 -5.90 -4.97 -22.65
N PHE A 109 -5.49 -4.59 -21.43
CA PHE A 109 -6.41 -4.08 -20.41
C PHE A 109 -5.86 -2.83 -19.74
N GLU A 110 -6.76 -1.89 -19.48
CA GLU A 110 -6.43 -0.61 -18.87
C GLU A 110 -7.43 -0.36 -17.75
N GLU A 111 -6.95 -0.14 -16.53
CA GLU A 111 -7.86 0.20 -15.46
C GLU A 111 -8.39 1.61 -15.68
N LEU A 112 -9.70 1.78 -15.60
CA LEU A 112 -10.28 3.12 -15.59
C LEU A 112 -10.38 3.52 -14.12
N VAL A 113 -9.24 3.97 -13.59
CA VAL A 113 -9.08 4.13 -12.15
C VAL A 113 -10.07 5.15 -11.58
N GLU A 114 -10.40 6.19 -12.35
CA GLU A 114 -11.32 7.21 -11.86
C GLU A 114 -12.75 6.69 -11.78
N ARG A 115 -13.01 5.53 -12.36
CA ARG A 115 -14.34 4.94 -12.37
C ARG A 115 -14.49 3.76 -11.43
N SER A 116 -13.38 3.22 -10.92
CA SER A 116 -13.40 2.12 -9.96
C SER A 116 -14.04 2.57 -8.64
N GLN A 117 -14.63 1.60 -7.94
CA GLN A 117 -15.37 1.81 -6.69
C GLN A 117 -14.81 0.89 -5.61
N LEU A 118 -13.69 1.31 -5.02
CA LEU A 118 -13.03 0.52 -3.99
C LEU A 118 -13.56 0.79 -2.58
N ASP A 119 -14.39 1.82 -2.39
CA ASP A 119 -14.77 2.28 -1.06
C ASP A 119 -16.18 1.86 -0.67
N ILE A 120 -16.82 0.99 -1.46
CA ILE A 120 -18.19 0.60 -1.25
C ILE A 120 -18.18 -0.81 -0.68
N SER A 121 -19.36 -1.28 -0.29
CA SER A 121 -19.47 -2.56 0.40
C SER A 121 -19.16 -3.74 -0.51
N ASP A 122 -19.48 -3.64 -1.79
CA ASP A 122 -19.08 -4.63 -2.78
C ASP A 122 -18.11 -4.01 -3.77
N PRO A 123 -16.83 -3.87 -3.41
CA PRO A 123 -15.93 -3.04 -4.20
C PRO A 123 -15.58 -3.71 -5.51
N TYR A 124 -15.24 -2.89 -6.50
CA TYR A 124 -14.82 -3.40 -7.80
C TYR A 124 -13.93 -2.37 -8.49
N LYS A 125 -13.07 -2.88 -9.37
CA LYS A 125 -12.25 -2.07 -10.26
C LYS A 125 -12.86 -2.10 -11.66
N VAL A 126 -12.69 -1.02 -12.42
CA VAL A 126 -13.21 -0.94 -13.77
C VAL A 126 -12.05 -1.05 -14.75
N TYR A 127 -12.21 -1.92 -15.75
CA TYR A 127 -11.18 -2.14 -16.77
C TYR A 127 -11.77 -1.96 -18.16
N ARG A 128 -10.99 -1.35 -19.05
CA ARG A 128 -11.31 -1.26 -20.47
C ARG A 128 -10.45 -2.26 -21.25
N ILE A 129 -11.02 -2.83 -22.30
CA ILE A 129 -10.31 -3.74 -23.18
C ILE A 129 -9.83 -2.96 -24.40
N VAL A 130 -8.52 -2.96 -24.63
CA VAL A 130 -7.93 -2.17 -25.70
C VAL A 130 -8.16 -2.85 -27.04
N PRO A 131 -8.57 -2.10 -28.07
CA PRO A 131 -8.72 -2.72 -29.39
C PRO A 131 -7.39 -3.26 -29.89
N GLU A 132 -7.47 -4.41 -30.56
CA GLU A 132 -6.29 -5.16 -30.98
C GLU A 132 -5.31 -4.33 -31.82
N GLY A 133 -5.74 -3.18 -32.34
CA GLY A 133 -4.85 -2.28 -33.05
C GLY A 133 -4.04 -1.27 -32.25
N ALA A 134 -4.39 -1.04 -30.98
CA ALA A 134 -3.65 -0.08 -30.15
C ALA A 134 -2.91 -0.72 -28.98
N GLY B 24 15.43 2.01 -3.24
CA GLY B 24 15.13 2.24 -1.84
C GLY B 24 15.45 3.66 -1.43
N LYS B 25 14.44 4.43 -1.03
CA LYS B 25 14.68 5.83 -0.69
C LYS B 25 14.71 6.15 0.80
N LEU B 26 14.07 5.34 1.68
CA LEU B 26 13.85 5.80 3.05
C LEU B 26 15.16 5.99 3.82
N ARG B 27 16.12 5.08 3.65
CA ARG B 27 17.31 5.10 4.49
C ARG B 27 18.05 6.44 4.36
N GLN B 28 18.48 6.76 3.14
CA GLN B 28 19.23 8.00 2.93
C GLN B 28 18.35 9.23 3.14
N TRP B 29 17.07 9.14 2.81
CA TRP B 29 16.19 10.28 3.04
C TRP B 29 16.16 10.64 4.53
N LEU B 30 15.97 9.64 5.38
CA LEU B 30 15.86 9.90 6.81
C LEU B 30 17.19 10.36 7.39
N ILE B 31 18.29 9.73 6.98
CA ILE B 31 19.62 10.18 7.38
C ILE B 31 19.79 11.65 7.02
N ASP B 32 19.41 12.02 5.80
CA ASP B 32 19.47 13.42 5.37
C ASP B 32 18.65 14.33 6.27
N GLN B 33 17.44 13.90 6.64
CA GLN B 33 16.57 14.72 7.49
C GLN B 33 17.21 14.98 8.85
N ILE B 34 17.76 13.93 9.46
CA ILE B 34 18.44 14.09 10.75
C ILE B 34 19.62 15.03 10.60
N ASP B 35 20.49 14.75 9.63
CA ASP B 35 21.67 15.56 9.39
C ASP B 35 21.31 17.01 9.10
N SER B 36 20.14 17.25 8.53
CA SER B 36 19.74 18.59 8.13
C SER B 36 19.59 19.51 9.34
N GLY B 37 19.20 18.97 10.49
CA GLY B 37 18.95 19.76 11.67
C GLY B 37 17.73 20.64 11.60
N LYS B 38 16.87 20.48 10.59
CA LYS B 38 15.69 21.30 10.42
C LYS B 38 14.56 20.88 11.34
N TYR B 39 14.65 19.70 11.95
CA TYR B 39 13.57 19.13 12.74
C TYR B 39 14.00 19.07 14.20
N PRO B 40 13.56 20.00 15.05
CA PRO B 40 13.96 19.95 16.47
C PRO B 40 13.58 18.59 17.05
N GLY B 41 14.50 18.03 17.83
CA GLY B 41 14.28 16.73 18.43
C GLY B 41 14.63 15.56 17.54
N LEU B 42 14.73 15.77 16.24
CA LEU B 42 15.20 14.73 15.32
C LEU B 42 16.71 14.81 15.34
N VAL B 43 17.36 13.99 16.16
CA VAL B 43 18.78 14.18 16.42
C VAL B 43 19.46 12.83 16.55
N TRP B 44 20.77 12.83 16.26
CA TRP B 44 21.61 11.66 16.50
C TRP B 44 21.84 11.44 17.98
N GLU B 45 21.93 10.18 18.36
CA GLU B 45 22.22 9.82 19.72
C GLU B 45 23.70 9.46 19.93
N ASN B 46 24.45 9.28 18.85
CA ASN B 46 25.89 9.06 18.97
C ASN B 46 26.62 9.75 17.82
N GLU B 47 27.94 9.85 17.94
CA GLU B 47 28.71 10.49 16.88
C GLU B 47 28.91 9.60 15.67
N GLU B 48 28.79 8.28 15.82
CA GLU B 48 28.85 7.39 14.67
C GLU B 48 27.61 7.49 13.80
N LYS B 49 26.59 8.23 14.26
CA LYS B 49 25.36 8.42 13.50
C LYS B 49 24.70 7.08 13.18
N SER B 50 24.62 6.21 14.18
CA SER B 50 23.98 4.92 14.02
C SER B 50 22.72 4.75 14.84
N ILE B 51 22.46 5.65 15.80
CA ILE B 51 21.26 5.64 16.62
C ILE B 51 20.72 7.06 16.66
N PHE B 52 19.39 7.21 16.54
CA PHE B 52 18.81 8.54 16.52
C PHE B 52 17.44 8.54 17.21
N ARG B 53 16.94 9.75 17.44
CA ARG B 53 15.66 9.98 18.09
C ARG B 53 14.67 10.54 17.09
N ILE B 54 13.42 10.13 17.20
CA ILE B 54 12.43 10.72 16.31
C ILE B 54 11.24 11.20 17.14
N PRO B 55 10.98 12.51 17.18
CA PRO B 55 9.91 13.04 18.04
C PRO B 55 8.59 12.41 17.66
N TRP B 56 7.81 12.03 18.67
CA TRP B 56 6.65 11.18 18.43
C TRP B 56 5.49 11.59 19.33
N LYS B 57 4.99 12.82 19.19
CA LYS B 57 3.99 13.32 20.10
C LYS B 57 2.61 12.88 19.64
N HIS B 58 1.78 12.50 20.59
CA HIS B 58 0.41 12.10 20.28
C HIS B 58 -0.38 13.32 19.81
N ALA B 59 -1.08 13.19 18.67
CA ALA B 59 -1.75 14.32 18.05
C ALA B 59 -3.01 14.75 18.79
N GLY B 60 -3.43 14.01 19.82
CA GLY B 60 -4.54 14.41 20.65
C GLY B 60 -4.19 15.31 21.82
N LYS B 61 -2.90 15.42 22.16
CA LYS B 61 -2.49 16.23 23.28
C LYS B 61 -2.78 17.70 23.02
N GLN B 62 -2.92 18.46 24.11
CA GLN B 62 -3.01 19.92 24.01
C GLN B 62 -1.68 20.53 23.60
N ASP B 63 -0.59 19.96 24.12
CA ASP B 63 0.79 20.32 23.79
C ASP B 63 1.06 20.31 22.28
N TYR B 64 0.16 19.72 21.49
CA TYR B 64 0.42 19.37 20.09
C TYR B 64 0.41 20.60 19.17
N ASN B 65 1.45 20.76 18.37
CA ASN B 65 1.49 21.81 17.35
C ASN B 65 1.74 21.15 16.00
N ARG B 66 0.75 21.22 15.11
CA ARG B 66 0.83 20.53 13.83
C ARG B 66 2.07 20.92 13.06
N GLU B 67 2.29 22.23 12.90
CA GLU B 67 3.39 22.72 12.07
C GLU B 67 4.72 22.15 12.52
N GLU B 68 4.92 22.05 13.83
CA GLU B 68 6.19 21.52 14.33
C GLU B 68 6.18 20.00 14.51
N ASP B 69 5.15 19.44 15.14
CA ASP B 69 5.22 18.04 15.52
C ASP B 69 4.96 17.09 14.35
N ALA B 70 4.37 17.56 13.26
CA ALA B 70 4.09 16.74 12.09
C ALA B 70 5.03 17.01 10.93
N ALA B 71 6.03 17.90 11.12
CA ALA B 71 6.87 18.33 10.01
C ALA B 71 7.58 17.16 9.34
N LEU B 72 8.14 16.23 10.11
CA LEU B 72 8.88 15.12 9.51
C LEU B 72 7.94 14.20 8.76
N PHE B 73 6.80 13.87 9.37
CA PHE B 73 5.82 13.01 8.73
C PHE B 73 5.31 13.64 7.45
N LYS B 74 5.09 14.95 7.47
CA LYS B 74 4.63 15.63 6.27
C LYS B 74 5.70 15.57 5.20
N ALA B 75 6.94 15.84 5.58
CA ALA B 75 8.03 15.84 4.62
C ALA B 75 8.11 14.49 3.91
N TRP B 76 7.93 13.39 4.64
CA TRP B 76 7.94 12.08 3.98
C TRP B 76 6.78 11.95 3.01
N ALA B 77 5.58 12.37 3.43
CA ALA B 77 4.43 12.34 2.52
C ALA B 77 4.65 13.20 1.29
N LEU B 78 5.24 14.39 1.47
CA LEU B 78 5.53 15.25 0.32
C LEU B 78 6.58 14.61 -0.58
N PHE B 79 7.60 13.99 0.02
CA PHE B 79 8.69 13.42 -0.76
C PHE B 79 8.20 12.31 -1.68
N LYS B 80 7.28 11.49 -1.19
CA LYS B 80 6.79 10.35 -1.95
C LYS B 80 5.58 10.70 -2.80
N GLY B 81 5.16 11.96 -2.80
CA GLY B 81 4.02 12.36 -3.59
C GLY B 81 2.70 11.89 -3.03
N LYS B 82 2.65 11.56 -1.73
CA LYS B 82 1.41 11.17 -1.07
C LYS B 82 0.66 12.35 -0.48
N PHE B 83 1.15 13.56 -0.68
CA PHE B 83 0.41 14.75 -0.26
C PHE B 83 0.88 15.88 -1.15
N ARG B 84 -0.07 16.53 -1.80
CA ARG B 84 0.22 17.67 -2.67
C ARG B 84 -0.47 18.88 -2.08
N GLU B 85 0.30 19.93 -1.80
CA GLU B 85 -0.28 21.18 -1.35
C GLU B 85 -1.09 21.78 -2.48
N GLY B 86 -2.35 22.09 -2.21
CA GLY B 86 -3.28 22.51 -3.23
C GLY B 86 -4.19 21.42 -3.75
N ILE B 87 -3.91 20.15 -3.46
CA ILE B 87 -4.77 19.04 -3.86
C ILE B 87 -5.34 18.32 -2.65
N ASP B 88 -4.49 18.00 -1.67
CA ASP B 88 -4.87 17.12 -0.58
C ASP B 88 -5.08 17.90 0.72
N LYS B 89 -6.09 17.47 1.50
CA LYS B 89 -6.32 18.01 2.83
C LYS B 89 -5.21 17.58 3.80
N PRO B 90 -4.74 18.48 4.67
CA PRO B 90 -3.77 18.06 5.69
C PRO B 90 -4.34 16.96 6.57
N ASP B 91 -3.51 15.93 6.81
CA ASP B 91 -3.93 14.74 7.54
C ASP B 91 -2.74 14.17 8.29
N PRO B 92 -2.34 14.81 9.39
CA PRO B 92 -1.14 14.35 10.13
C PRO B 92 -1.24 12.91 10.62
N PRO B 93 -2.41 12.43 11.11
CA PRO B 93 -2.45 11.02 11.51
C PRO B 93 -2.02 10.06 10.41
N THR B 94 -2.47 10.30 9.18
CA THR B 94 -2.06 9.45 8.07
C THR B 94 -0.57 9.57 7.80
N TRP B 95 -0.04 10.78 7.83
CA TRP B 95 1.41 10.95 7.65
C TRP B 95 2.19 10.11 8.67
N LYS B 96 1.76 10.15 9.93
CA LYS B 96 2.43 9.39 10.97
C LYS B 96 2.35 7.89 10.75
N THR B 97 1.15 7.40 10.44
CA THR B 97 0.97 5.98 10.20
C THR B 97 1.87 5.51 9.07
N ARG B 98 1.98 6.32 8.01
CA ARG B 98 2.81 5.93 6.89
C ARG B 98 4.26 5.77 7.31
N LEU B 99 4.81 6.76 8.03
CA LEU B 99 6.22 6.66 8.40
C LEU B 99 6.43 5.56 9.43
N ARG B 100 5.49 5.36 10.33
CA ARG B 100 5.64 4.28 11.31
C ARG B 100 5.72 2.93 10.61
N CYS B 101 4.75 2.64 9.75
CA CYS B 101 4.70 1.33 9.11
C CYS B 101 5.93 1.11 8.25
N ALA B 102 6.41 2.17 7.58
CA ALA B 102 7.63 2.03 6.77
C ALA B 102 8.81 1.68 7.64
N LEU B 103 8.97 2.39 8.79
CA LEU B 103 10.03 2.05 9.72
C LEU B 103 9.89 0.61 10.22
N ASN B 104 8.67 0.17 10.52
CA ASN B 104 8.44 -1.19 10.98
C ASN B 104 8.96 -2.22 9.97
N LYS B 105 8.60 -2.02 8.71
CA LYS B 105 8.86 -2.97 7.64
C LYS B 105 10.30 -2.89 7.12
N SER B 106 10.94 -1.74 7.24
CA SER B 106 12.27 -1.55 6.70
C SER B 106 13.30 -2.35 7.46
N ASN B 107 14.19 -3.01 6.71
CA ASN B 107 15.35 -3.68 7.28
C ASN B 107 16.47 -2.71 7.65
N ASP B 108 16.34 -1.43 7.30
CA ASP B 108 17.38 -0.45 7.60
C ASP B 108 17.26 0.15 8.99
N PHE B 109 16.09 0.05 9.62
CA PHE B 109 15.85 0.68 10.91
C PHE B 109 15.19 -0.31 11.87
N GLU B 110 15.63 -0.23 13.12
CA GLU B 110 15.10 -1.08 14.18
C GLU B 110 14.89 -0.18 15.38
N GLU B 111 13.66 -0.15 15.90
CA GLU B 111 13.40 0.64 17.10
C GLU B 111 14.07 0.01 18.31
N LEU B 112 14.75 0.84 19.10
CA LEU B 112 15.26 0.42 20.41
C LEU B 112 14.18 0.75 21.42
N VAL B 113 13.19 -0.13 21.50
CA VAL B 113 11.97 0.16 22.26
C VAL B 113 12.27 0.41 23.74
N GLU B 114 13.31 -0.22 24.28
CA GLU B 114 13.62 0.03 25.68
C GLU B 114 14.17 1.44 25.89
N ARG B 115 14.59 2.13 24.83
CA ARG B 115 15.16 3.47 24.96
C ARG B 115 14.18 4.56 24.53
N SER B 116 13.11 4.21 23.83
CA SER B 116 12.10 5.17 23.45
C SER B 116 11.42 5.75 24.68
N GLN B 117 10.96 6.99 24.58
CA GLN B 117 10.37 7.70 25.71
C GLN B 117 9.02 8.24 25.25
N LEU B 118 8.00 7.38 25.26
CA LEU B 118 6.67 7.80 24.86
C LEU B 118 5.85 8.40 26.01
N ASP B 119 6.35 8.32 27.24
CA ASP B 119 5.56 8.71 28.40
C ASP B 119 5.93 10.08 28.95
N ILE B 120 6.74 10.86 28.23
CA ILE B 120 7.21 12.14 28.72
C ILE B 120 6.55 13.23 27.90
N SER B 121 6.73 14.48 28.34
CA SER B 121 6.02 15.60 27.73
C SER B 121 6.49 15.85 26.29
N ASP B 122 7.77 15.59 25.99
CA ASP B 122 8.26 15.65 24.62
C ASP B 122 8.66 14.25 24.14
N PRO B 123 7.69 13.41 23.78
CA PRO B 123 8.00 11.98 23.58
C PRO B 123 8.83 11.76 22.32
N TYR B 124 9.56 10.65 22.31
CA TYR B 124 10.35 10.30 21.15
C TYR B 124 10.60 8.79 21.15
N LYS B 125 10.78 8.25 19.96
CA LYS B 125 11.21 6.88 19.74
C LYS B 125 12.68 6.87 19.36
N VAL B 126 13.38 5.81 19.76
CA VAL B 126 14.80 5.67 19.46
C VAL B 126 14.94 4.60 18.37
N TYR B 127 15.73 4.89 17.35
CA TYR B 127 15.98 3.98 16.24
C TYR B 127 17.46 3.76 16.04
N ARG B 128 17.82 2.50 15.84
CA ARG B 128 19.12 2.11 15.33
C ARG B 128 19.06 2.00 13.81
N ILE B 129 20.16 2.33 13.15
CA ILE B 129 20.33 2.14 11.72
C ILE B 129 21.15 0.87 11.52
N VAL B 130 20.58 -0.10 10.81
CA VAL B 130 21.23 -1.40 10.63
C VAL B 130 22.32 -1.29 9.58
N PRO B 131 23.51 -1.83 9.84
CA PRO B 131 24.57 -1.76 8.84
C PRO B 131 24.16 -2.48 7.56
N GLU B 132 24.53 -1.88 6.42
CA GLU B 132 24.14 -2.41 5.11
C GLU B 132 24.60 -3.85 4.91
N GLY B 133 25.56 -4.30 5.71
CA GLY B 133 26.05 -5.67 5.69
C GLY B 133 25.16 -6.66 6.41
N ALA B 134 24.21 -6.18 7.19
CA ALA B 134 23.26 -7.04 7.89
C ALA B 134 21.88 -6.84 7.29
P PO4 E . 8.61 14.89 31.74
O1 PO4 E . 9.36 14.15 32.83
O2 PO4 E . 9.54 15.16 30.58
O3 PO4 E . 7.48 13.97 31.36
O4 PO4 E . 8.09 16.25 32.16
#